data_5OPS
#
_entry.id   5OPS
#
_cell.length_a   44.998
_cell.length_b   66.060
_cell.length_c   53.957
_cell.angle_alpha   90.000
_cell.angle_beta   100.980
_cell.angle_gamma   90.000
#
_symmetry.space_group_name_H-M   'P 1 21 1'
#
loop_
_entity.id
_entity.type
_entity.pdbx_description
1 polymer 'Serine/threonine-protein kinase Chk1'
2 non-polymer 4-(3-hydroxyphenyl)-1~{H}-pyrrolo[2,3-b]pyridine-3-carbonitrile
3 water water
#
_entity_poly.entity_id   1
_entity_poly.type   'polypeptide(L)'
_entity_poly.pdbx_seq_one_letter_code
;MAVPFVEDWDLVQTLGEGAYGEVQLAVNRVTEEAVAVKIVDMKRAVDCPENIKKEICILKMLNHENVIKFYGHRREGNIQ
YLFMELASGGSLFDRIEPDIGMPEPDAQRFFHQLMAGVVYLHGIGITHRDIKPHNLLLDERDNLKIADYSLATVFRYNNR
ERLLNKMCGTLPYVAPELLKRREFHAEPVDVWSCGIVLTAMLAGELPWDQPSDSCQEYSDWKEKKTYLNPWKKIDSAPLA
LLHKILVENPSARITIPDIKKDRWYNKPLKKGAKRPRVTSGGVSESPSGHHHHHHHH
;
_entity_poly.pdbx_strand_id   A
#
loop_
_chem_comp.id
_chem_comp.type
_chem_comp.name
_chem_comp.formula
A3Q non-polymer 4-(3-hydroxyphenyl)-1~{H}-pyrrolo[2,3-b]pyridine-3-carbonitrile 'C14 H9 N3 O'
#
# COMPACT_ATOMS: atom_id res chain seq x y z
N VAL A 3 29.17 -9.67 5.19
CA VAL A 3 29.03 -10.87 6.05
C VAL A 3 28.80 -10.57 7.58
N PRO A 4 28.03 -9.53 7.95
CA PRO A 4 27.56 -9.61 9.37
C PRO A 4 26.52 -10.74 9.53
N PHE A 5 26.01 -10.92 10.72
CA PHE A 5 25.17 -12.07 11.00
C PHE A 5 24.42 -11.85 12.27
N VAL A 6 23.36 -12.60 12.44
CA VAL A 6 22.61 -12.51 13.69
C VAL A 6 22.17 -13.93 13.87
N GLU A 7 22.70 -14.58 14.90
CA GLU A 7 22.47 -15.99 15.16
C GLU A 7 22.77 -16.79 13.89
N ASP A 8 21.82 -17.59 13.39
CA ASP A 8 22.13 -18.41 12.24
C ASP A 8 22.13 -17.73 10.88
N TRP A 9 21.68 -16.47 10.86
CA TRP A 9 21.49 -15.80 9.59
C TRP A 9 22.67 -14.96 9.16
N ASP A 10 23.08 -15.08 7.93
CA ASP A 10 24.01 -14.18 7.35
C ASP A 10 23.17 -13.11 6.71
N LEU A 11 23.51 -11.85 6.95
CA LEU A 11 22.90 -10.72 6.32
C LEU A 11 23.65 -10.46 5.02
N VAL A 12 23.17 -11.06 3.94
CA VAL A 12 23.90 -11.05 2.67
C VAL A 12 23.80 -9.83 1.75
N GLN A 13 22.64 -9.25 1.52
CA GLN A 13 22.59 -8.06 0.64
C GLN A 13 21.49 -7.12 1.05
N THR A 14 21.72 -5.84 0.78
CA THR A 14 20.76 -4.81 1.09
C THR A 14 19.62 -4.89 0.11
N LEU A 15 18.39 -4.80 0.60
CA LEU A 15 17.25 -4.75 -0.30
C LEU A 15 16.68 -3.33 -0.39
N GLY A 16 17.03 -2.47 0.56
CA GLY A 16 16.63 -1.08 0.47
C GLY A 16 16.53 -0.39 1.81
N GLU A 17 16.29 0.92 1.77
CA GLU A 17 15.95 1.70 2.95
C GLU A 17 14.47 1.96 2.90
N GLY A 18 13.86 2.14 4.06
CA GLY A 18 12.47 2.54 4.18
C GLY A 18 12.47 3.91 4.83
N ALA A 19 11.41 4.21 5.58
CA ALA A 19 11.39 5.43 6.42
C ALA A 19 12.69 5.49 7.24
N TYR A 20 12.85 4.58 8.19
CA TYR A 20 14.12 4.35 8.86
C TYR A 20 14.42 2.88 8.65
N GLY A 21 15.70 2.52 8.67
CA GLY A 21 16.09 1.12 8.71
C GLY A 21 16.26 0.45 7.37
N GLU A 22 17.43 -0.17 7.25
CA GLU A 22 17.84 -0.97 6.12
C GLU A 22 17.07 -2.25 6.15
N VAL A 23 16.81 -2.80 4.99
CA VAL A 23 16.20 -4.10 4.90
C VAL A 23 17.30 -4.93 4.24
N GLN A 24 17.61 -6.06 4.83
CA GLN A 24 18.64 -6.95 4.31
C GLN A 24 18.06 -8.30 3.96
N LEU A 25 18.69 -8.98 3.02
CA LEU A 25 18.31 -10.34 2.74
C LEU A 25 19.08 -11.20 3.73
N ALA A 26 18.38 -12.00 4.50
CA ALA A 26 19.05 -12.88 5.47
C ALA A 26 18.90 -14.34 5.03
N VAL A 27 20.03 -15.01 4.76
CA VAL A 27 20.03 -16.42 4.35
C VAL A 27 20.59 -17.25 5.48
N ASN A 28 19.86 -18.26 5.86
CA ASN A 28 20.29 -19.11 6.93
C ASN A 28 21.40 -20.12 6.45
N ARG A 29 22.54 -20.11 7.16
CA ARG A 29 23.75 -20.94 6.82
C ARG A 29 23.44 -22.43 6.81
N VAL A 30 22.64 -22.86 7.78
CA VAL A 30 22.24 -24.25 7.96
C VAL A 30 21.18 -24.73 6.95
N THR A 31 20.02 -24.05 6.97
CA THR A 31 18.77 -24.51 6.30
C THR A 31 18.62 -23.94 4.91
N GLU A 32 19.40 -22.89 4.61
CA GLU A 32 19.30 -22.13 3.38
C GLU A 32 18.01 -21.30 3.22
N GLU A 33 17.13 -21.25 4.22
CA GLU A 33 15.93 -20.38 4.15
C GLU A 33 16.35 -18.93 3.95
N ALA A 34 15.65 -18.23 3.07
CA ALA A 34 15.88 -16.80 2.87
C ALA A 34 14.69 -15.96 3.42
N VAL A 35 15.00 -14.95 4.22
CA VAL A 35 14.02 -14.00 4.71
C VAL A 35 14.54 -12.61 4.51
N ALA A 36 13.72 -11.63 4.90
CA ALA A 36 14.13 -10.24 4.88
C ALA A 36 14.22 -9.76 6.29
N VAL A 37 15.23 -8.95 6.55
CA VAL A 37 15.39 -8.46 7.90
C VAL A 37 15.47 -6.98 7.90
N LYS A 38 14.63 -6.37 8.70
CA LYS A 38 14.68 -4.93 8.84
C LYS A 38 15.54 -4.56 10.05
N ILE A 39 16.49 -3.69 9.81
CA ILE A 39 17.45 -3.28 10.82
C ILE A 39 17.20 -1.87 11.35
N VAL A 40 16.74 -1.83 12.59
CA VAL A 40 16.60 -0.57 13.30
C VAL A 40 17.25 -0.73 14.64
N ASN A 51 7.90 3.53 19.80
CA ASN A 51 7.53 3.52 18.42
C ASN A 51 7.72 2.15 17.78
N ILE A 52 8.93 1.59 17.89
CA ILE A 52 9.17 0.25 17.36
C ILE A 52 8.34 -0.76 18.09
N LYS A 53 8.20 -0.59 19.40
CA LYS A 53 7.27 -1.40 20.21
C LYS A 53 5.90 -1.60 19.54
N LYS A 54 5.27 -0.51 19.12
CA LYS A 54 3.97 -0.55 18.46
C LYS A 54 3.98 -1.30 17.13
N GLU A 55 5.00 -1.06 16.32
CA GLU A 55 5.17 -1.72 15.05
C GLU A 55 5.23 -3.24 15.18
N ILE A 56 6.08 -3.72 16.08
CA ILE A 56 6.20 -5.15 16.31
C ILE A 56 4.87 -5.70 16.71
N CYS A 57 4.22 -4.99 17.61
CA CYS A 57 2.93 -5.40 18.06
C CYS A 57 1.93 -5.54 16.88
N ILE A 58 1.90 -4.58 15.99
CA ILE A 58 0.98 -4.70 14.86
C ILE A 58 1.43 -5.86 13.94
N LEU A 59 2.72 -5.94 13.66
CA LEU A 59 3.30 -7.03 12.86
C LEU A 59 2.95 -8.45 13.29
N LYS A 60 2.89 -8.66 14.60
CA LYS A 60 2.51 -10.00 15.12
C LYS A 60 1.07 -10.30 14.92
N MET A 61 0.25 -9.28 14.71
CA MET A 61 -1.15 -9.50 14.34
C MET A 61 -1.39 -10.09 12.92
N LEU A 62 -0.43 -9.96 12.03
CA LEU A 62 -0.67 -10.13 10.59
C LEU A 62 -0.58 -11.55 10.09
N ASN A 63 -1.70 -12.04 9.61
CA ASN A 63 -1.78 -13.36 9.10
C ASN A 63 -2.68 -13.45 7.88
N HIS A 64 -2.14 -13.08 6.72
CA HIS A 64 -2.92 -13.16 5.51
C HIS A 64 -1.99 -13.23 4.32
N GLU A 65 -2.44 -13.88 3.26
CA GLU A 65 -1.58 -14.13 2.11
C GLU A 65 -1.19 -12.90 1.25
N ASN A 66 -1.86 -11.77 1.44
CA ASN A 66 -1.51 -10.51 0.71
C ASN A 66 -0.90 -9.49 1.65
N VAL A 67 -0.44 -9.97 2.81
CA VAL A 67 0.24 -9.15 3.79
C VAL A 67 1.56 -9.80 4.19
N ILE A 68 2.63 -9.02 4.33
CA ILE A 68 3.93 -9.57 4.65
C ILE A 68 3.91 -10.17 6.07
N LYS A 69 4.17 -11.48 6.19
CA LYS A 69 4.23 -12.17 7.51
C LYS A 69 5.45 -11.79 8.38
N PHE A 70 5.22 -11.68 9.68
CA PHE A 70 6.24 -11.45 10.68
C PHE A 70 6.72 -12.77 11.30
N TYR A 71 8.02 -12.97 11.33
CA TYR A 71 8.57 -14.22 11.83
C TYR A 71 9.16 -14.10 13.25
N GLY A 72 9.30 -12.89 13.78
CA GLY A 72 9.90 -12.69 15.09
C GLY A 72 11.00 -11.65 15.04
N HIS A 73 11.47 -11.22 16.20
CA HIS A 73 12.53 -10.23 16.31
C HIS A 73 13.59 -10.59 17.34
N ARG A 74 14.76 -9.98 17.20
CA ARG A 74 15.85 -10.11 18.14
C ARG A 74 16.48 -8.72 18.36
N ARG A 75 16.52 -8.26 19.62
CA ARG A 75 17.22 -7.02 19.98
C ARG A 75 18.65 -7.40 20.31
N GLU A 76 19.61 -6.73 19.72
CA GLU A 76 21.00 -7.01 20.06
C GLU A 76 21.69 -5.73 20.36
N GLY A 77 21.47 -5.23 21.57
CA GLY A 77 22.14 -4.05 22.10
C GLY A 77 21.57 -2.77 21.51
N ASN A 78 22.27 -2.18 20.57
CA ASN A 78 21.79 -0.98 19.89
C ASN A 78 20.65 -1.28 18.89
N ILE A 79 20.86 -2.30 18.07
CA ILE A 79 20.00 -2.59 16.91
C ILE A 79 18.92 -3.68 17.13
N GLN A 80 17.69 -3.38 16.71
CA GLN A 80 16.57 -4.34 16.71
C GLN A 80 16.51 -4.96 15.31
N TYR A 81 16.17 -6.22 15.21
CA TYR A 81 16.14 -6.95 13.94
C TYR A 81 14.77 -7.58 13.75
N LEU A 82 14.02 -7.14 12.73
CA LEU A 82 12.67 -7.66 12.53
C LEU A 82 12.66 -8.61 11.37
N PHE A 83 12.36 -9.87 11.61
CA PHE A 83 12.42 -10.89 10.59
C PHE A 83 11.05 -11.02 9.95
N MET A 84 11.03 -11.04 8.62
CA MET A 84 9.78 -11.02 7.86
C MET A 84 9.89 -11.80 6.60
N GLU A 85 8.74 -12.21 6.12
CA GLU A 85 8.63 -12.90 4.86
C GLU A 85 9.36 -12.13 3.77
N LEU A 86 10.18 -12.84 3.00
CA LEU A 86 10.82 -12.30 1.84
C LEU A 86 9.85 -12.31 0.60
N ALA A 87 9.92 -11.28 -0.17
CA ALA A 87 9.17 -11.14 -1.42
C ALA A 87 10.27 -10.87 -2.43
N SER A 88 10.60 -11.88 -3.20
CA SER A 88 11.80 -11.80 -4.04
C SER A 88 11.47 -11.35 -5.43
N GLY A 89 10.21 -10.99 -5.67
CA GLY A 89 9.79 -10.47 -6.98
C GLY A 89 9.89 -8.96 -7.11
N GLY A 90 10.41 -8.27 -6.13
CA GLY A 90 10.56 -6.81 -6.19
C GLY A 90 9.23 -6.15 -5.82
N SER A 91 8.96 -4.99 -6.36
CA SER A 91 7.76 -4.26 -6.02
C SER A 91 6.89 -3.94 -7.21
N LEU A 92 5.67 -3.52 -6.92
CA LEU A 92 4.78 -3.13 -8.00
C LEU A 92 5.33 -1.96 -8.71
N PHE A 93 6.11 -1.13 -8.04
CA PHE A 93 6.68 0.01 -8.70
C PHE A 93 7.50 -0.42 -9.89
N ASP A 94 8.23 -1.51 -9.78
CA ASP A 94 9.00 -2.05 -10.91
C ASP A 94 8.17 -2.56 -12.06
N ARG A 95 6.87 -2.79 -11.89
CA ARG A 95 6.02 -3.27 -12.94
C ARG A 95 5.28 -2.22 -13.67
N ILE A 96 5.44 -0.97 -13.25
CA ILE A 96 4.74 0.10 -13.87
C ILE A 96 5.70 0.79 -14.86
N GLU A 97 5.39 0.73 -16.14
CA GLU A 97 6.23 1.39 -17.13
C GLU A 97 5.82 2.86 -17.20
N PRO A 98 6.76 3.77 -17.09
CA PRO A 98 6.40 5.21 -17.12
C PRO A 98 5.66 5.59 -18.38
N ASP A 99 4.63 6.39 -18.18
CA ASP A 99 3.71 6.81 -19.17
C ASP A 99 2.85 5.77 -19.82
N ILE A 100 2.98 4.53 -19.44
CA ILE A 100 2.21 3.43 -20.08
C ILE A 100 1.31 2.72 -19.04
N GLY A 101 1.92 2.35 -17.93
CA GLY A 101 1.27 1.51 -16.93
C GLY A 101 1.61 0.03 -17.11
N MET A 102 0.60 -0.78 -17.18
CA MET A 102 0.79 -2.19 -17.41
C MET A 102 -0.50 -2.71 -18.07
N PRO A 103 -0.50 -3.93 -18.55
CA PRO A 103 -1.72 -4.46 -19.16
C PRO A 103 -2.85 -4.49 -18.14
N GLU A 104 -4.03 -4.12 -18.57
CA GLU A 104 -5.20 -4.00 -17.75
C GLU A 104 -5.50 -5.28 -16.93
N PRO A 105 -5.35 -6.47 -17.53
CA PRO A 105 -5.56 -7.69 -16.75
C PRO A 105 -4.54 -7.91 -15.60
N ASP A 106 -3.29 -7.48 -15.76
CA ASP A 106 -2.34 -7.50 -14.65
C ASP A 106 -2.71 -6.49 -13.58
N ALA A 107 -3.12 -5.30 -14.02
CA ALA A 107 -3.57 -4.24 -13.10
C ALA A 107 -4.75 -4.79 -12.30
N GLN A 108 -5.67 -5.43 -12.98
CA GLN A 108 -6.90 -5.92 -12.27
C GLN A 108 -6.56 -6.94 -11.21
N ARG A 109 -5.70 -7.86 -11.58
CA ARG A 109 -5.33 -8.91 -10.66
C ARG A 109 -4.62 -8.30 -9.45
N PHE A 110 -3.71 -7.36 -9.67
CA PHE A 110 -3.02 -6.76 -8.56
C PHE A 110 -4.01 -5.98 -7.68
N PHE A 111 -4.96 -5.32 -8.33
CA PHE A 111 -5.97 -4.56 -7.59
C PHE A 111 -6.88 -5.49 -6.71
N HIS A 112 -7.29 -6.63 -7.24
CA HIS A 112 -7.95 -7.64 -6.48
C HIS A 112 -7.17 -8.07 -5.21
N GLN A 113 -5.89 -8.34 -5.37
CA GLN A 113 -5.07 -8.71 -4.29
C GLN A 113 -4.84 -7.62 -3.28
N LEU A 114 -4.73 -6.37 -3.75
CA LEU A 114 -4.55 -5.24 -2.88
C LEU A 114 -5.82 -5.05 -2.08
N MET A 115 -6.99 -5.21 -2.71
CA MET A 115 -8.23 -5.04 -1.97
C MET A 115 -8.35 -6.19 -0.91
N ALA A 116 -7.92 -7.41 -1.25
CA ALA A 116 -8.00 -8.50 -0.28
C ALA A 116 -7.13 -8.18 0.94
N GLY A 117 -5.94 -7.67 0.71
CA GLY A 117 -5.05 -7.28 1.83
C GLY A 117 -5.63 -6.13 2.67
N VAL A 118 -6.14 -5.10 2.01
CA VAL A 118 -6.68 -3.97 2.73
C VAL A 118 -7.93 -4.35 3.51
N VAL A 119 -8.81 -5.14 2.93
CA VAL A 119 -9.99 -5.66 3.67
C VAL A 119 -9.53 -6.40 4.95
N TYR A 120 -8.54 -7.23 4.84
CA TYR A 120 -8.00 -7.96 5.96
C TYR A 120 -7.50 -7.03 7.05
N LEU A 121 -6.72 -6.02 6.65
CA LEU A 121 -6.20 -5.08 7.60
C LEU A 121 -7.29 -4.35 8.28
N HIS A 122 -8.23 -3.82 7.50
CA HIS A 122 -9.29 -3.05 8.08
C HIS A 122 -10.13 -3.95 8.99
N GLY A 123 -10.25 -5.21 8.64
CA GLY A 123 -11.02 -6.18 9.45
C GLY A 123 -10.38 -6.44 10.82
N ILE A 124 -9.06 -6.33 10.96
CA ILE A 124 -8.43 -6.46 12.29
C ILE A 124 -8.24 -5.11 12.90
N GLY A 125 -8.77 -4.06 12.30
CA GLY A 125 -8.80 -2.74 12.84
C GLY A 125 -7.49 -1.95 12.66
N ILE A 126 -6.70 -2.33 11.66
CA ILE A 126 -5.41 -1.74 11.35
C ILE A 126 -5.54 -0.91 10.07
N THR A 127 -5.02 0.34 10.09
CA THR A 127 -4.84 1.12 8.88
C THR A 127 -3.35 1.23 8.49
N HIS A 128 -3.00 1.03 7.21
CA HIS A 128 -1.60 1.01 6.78
C HIS A 128 -1.02 2.45 6.72
N ARG A 129 -1.82 3.36 6.15
CA ARG A 129 -1.56 4.77 5.99
C ARG A 129 -0.50 5.16 4.99
N ASP A 130 0.14 4.22 4.30
CA ASP A 130 1.09 4.60 3.27
C ASP A 130 1.15 3.59 2.14
N ILE A 131 -0.01 3.31 1.58
CA ILE A 131 -0.15 2.42 0.43
C ILE A 131 0.33 3.16 -0.78
N LYS A 132 1.34 2.60 -1.47
CA LYS A 132 1.86 3.11 -2.68
C LYS A 132 2.68 1.98 -3.24
N PRO A 133 3.05 2.05 -4.53
CA PRO A 133 3.67 0.92 -5.25
C PRO A 133 4.96 0.43 -4.65
N HIS A 134 5.75 1.31 -4.01
CA HIS A 134 6.94 0.83 -3.34
C HIS A 134 6.69 -0.07 -2.20
N ASN A 135 5.51 0.04 -1.57
CA ASN A 135 5.16 -0.80 -0.39
C ASN A 135 4.34 -1.99 -0.78
N LEU A 136 4.14 -2.21 -2.06
CA LEU A 136 3.36 -3.34 -2.51
C LEU A 136 4.34 -4.28 -3.23
N LEU A 137 4.76 -5.29 -2.50
CA LEU A 137 5.83 -6.19 -2.95
C LEU A 137 5.25 -7.45 -3.62
N LEU A 138 6.06 -8.07 -4.49
CA LEU A 138 5.63 -9.25 -5.15
C LEU A 138 6.45 -10.46 -4.71
N ASP A 139 5.82 -11.60 -4.54
CA ASP A 139 6.56 -12.85 -4.26
C ASP A 139 6.99 -13.46 -5.59
N GLU A 140 7.60 -14.64 -5.56
CA GLU A 140 8.12 -15.17 -6.84
C GLU A 140 7.05 -15.62 -7.82
N ARG A 141 5.81 -15.74 -7.39
CA ARG A 141 4.67 -15.98 -8.26
C ARG A 141 3.84 -14.73 -8.51
N ASP A 142 4.45 -13.56 -8.37
CA ASP A 142 3.76 -12.28 -8.58
C ASP A 142 2.54 -12.06 -7.73
N ASN A 143 2.48 -12.65 -6.55
CA ASN A 143 1.42 -12.37 -5.62
C ASN A 143 1.80 -11.11 -4.87
N LEU A 144 0.83 -10.24 -4.64
CA LEU A 144 1.07 -8.94 -4.01
C LEU A 144 1.05 -9.06 -2.50
N LYS A 145 1.94 -8.36 -1.82
CA LYS A 145 1.91 -8.35 -0.39
C LYS A 145 2.07 -6.95 0.13
N ILE A 146 1.25 -6.50 1.02
CA ILE A 146 1.39 -5.17 1.59
C ILE A 146 2.47 -5.20 2.69
N ALA A 147 3.46 -4.34 2.55
CA ALA A 147 4.57 -4.30 3.43
C ALA A 147 4.75 -2.92 4.05
N ASP A 148 5.59 -2.91 5.08
CA ASP A 148 6.03 -1.72 5.80
C ASP A 148 4.96 -1.20 6.70
N TYR A 149 5.01 -1.60 7.96
CA TYR A 149 3.98 -1.19 8.95
C TYR A 149 4.49 -0.12 9.90
N SER A 150 5.51 0.62 9.50
CA SER A 150 6.07 1.63 10.36
C SER A 150 5.14 2.80 10.54
N LEU A 151 4.20 3.05 9.65
CA LEU A 151 3.20 4.11 9.89
C LEU A 151 1.86 3.53 10.26
N ALA A 152 1.76 2.19 10.36
CA ALA A 152 0.44 1.61 10.56
C ALA A 152 -0.11 1.98 11.95
N THR A 153 -1.43 1.96 12.15
CA THR A 153 -1.97 2.22 13.47
C THR A 153 -3.33 1.60 13.60
N VAL A 154 -3.82 1.53 14.83
CA VAL A 154 -5.05 0.92 15.20
C VAL A 154 -6.11 1.97 15.06
N PHE A 155 -7.16 1.69 14.32
CA PHE A 155 -8.26 2.61 14.20
C PHE A 155 -9.55 2.07 14.78
N ARG A 156 -9.58 0.81 15.16
CA ARG A 156 -10.79 0.19 15.75
C ARG A 156 -10.34 -0.79 16.80
N TYR A 157 -10.90 -0.63 18.01
CA TYR A 157 -10.50 -1.46 19.15
C TYR A 157 -11.73 -1.65 20.02
N ASN A 158 -11.98 -2.89 20.44
CA ASN A 158 -13.22 -3.28 21.17
C ASN A 158 -14.42 -2.79 20.44
N ASN A 159 -14.38 -2.92 19.11
CA ASN A 159 -15.47 -2.51 18.26
C ASN A 159 -15.83 -1.03 18.25
N ARG A 160 -14.95 -0.16 18.72
CA ARG A 160 -15.15 1.29 18.69
C ARG A 160 -14.13 1.91 17.77
N GLU A 161 -14.59 2.75 16.86
CA GLU A 161 -13.69 3.41 15.94
C GLU A 161 -13.10 4.62 16.62
N ARG A 162 -11.85 4.90 16.35
CA ARG A 162 -11.31 6.19 16.67
C ARG A 162 -10.85 6.86 15.38
N LEU A 163 -11.08 8.13 15.30
CA LEU A 163 -10.59 8.93 14.18
C LEU A 163 -9.11 9.16 14.31
N LEU A 164 -8.47 9.40 13.19
CA LEU A 164 -7.06 9.71 13.17
C LEU A 164 -6.87 11.22 13.19
N ASN A 165 -5.76 11.67 13.68
CA ASN A 165 -5.42 13.09 13.60
C ASN A 165 -4.01 13.38 13.18
N LYS A 166 -3.13 12.41 13.09
CA LYS A 166 -1.79 12.71 12.62
C LYS A 166 -1.85 12.70 11.07
N MET A 167 -1.15 13.65 10.47
CA MET A 167 -1.00 13.60 9.05
C MET A 167 0.19 12.71 8.75
N CYS A 168 -0.01 11.66 7.96
CA CYS A 168 1.17 10.97 7.41
C CYS A 168 0.86 10.27 6.09
N GLY A 169 1.88 9.72 5.48
CA GLY A 169 1.75 9.16 4.14
C GLY A 169 2.65 9.86 3.18
N THR A 170 2.24 9.85 1.91
CA THR A 170 3.04 10.40 0.84
C THR A 170 2.14 11.25 0.01
N LEU A 171 2.47 12.53 -0.20
CA LEU A 171 1.51 13.51 -0.72
C LEU A 171 0.70 13.10 -1.97
N PRO A 172 1.35 12.57 -2.99
CA PRO A 172 0.61 12.15 -4.16
C PRO A 172 -0.49 11.08 -3.89
N TYR A 173 -0.31 10.30 -2.84
CA TYR A 173 -1.21 9.20 -2.48
C TYR A 173 -2.22 9.58 -1.39
N VAL A 174 -2.07 10.70 -0.71
CA VAL A 174 -2.94 11.01 0.42
C VAL A 174 -4.26 11.56 0.02
N ALA A 175 -5.26 11.31 0.83
CA ALA A 175 -6.60 11.76 0.56
C ALA A 175 -6.73 13.24 0.98
N PRO A 176 -7.59 13.97 0.30
CA PRO A 176 -7.74 15.38 0.51
C PRO A 176 -8.18 15.78 1.95
N GLU A 177 -8.99 14.95 2.65
CA GLU A 177 -9.42 15.24 4.01
C GLU A 177 -8.25 15.28 4.98
N LEU A 178 -7.20 14.55 4.65
CA LEU A 178 -6.06 14.49 5.51
C LEU A 178 -5.37 15.84 5.50
N LEU A 179 -5.45 16.57 4.40
CA LEU A 179 -4.89 17.92 4.40
C LEU A 179 -5.87 18.96 4.94
N LYS A 180 -7.15 18.68 5.04
CA LYS A 180 -8.13 19.72 5.42
C LYS A 180 -8.79 19.53 6.77
N ARG A 181 -8.78 18.33 7.32
CA ARG A 181 -9.56 18.08 8.50
C ARG A 181 -8.68 17.83 9.63
N ARG A 182 -9.14 18.27 10.80
CA ARG A 182 -8.48 18.04 12.07
C ARG A 182 -8.45 16.59 12.38
N GLU A 183 -9.57 15.94 12.15
CA GLU A 183 -9.65 14.49 12.40
C GLU A 183 -10.47 13.88 11.28
N PHE A 184 -10.19 12.64 10.96
CA PHE A 184 -10.82 11.98 9.79
C PHE A 184 -10.84 10.47 9.98
N HIS A 185 -11.71 9.80 9.25
CA HIS A 185 -11.74 8.34 9.29
C HIS A 185 -10.60 7.69 8.53
N ALA A 186 -10.12 6.57 9.09
CA ALA A 186 -9.00 5.87 8.54
C ALA A 186 -9.27 5.17 7.22
N GLU A 187 -10.39 4.50 7.13
CA GLU A 187 -10.64 3.61 6.02
C GLU A 187 -10.72 4.30 4.62
N PRO A 188 -11.45 5.41 4.49
CA PRO A 188 -11.53 6.06 3.22
C PRO A 188 -10.20 6.61 2.75
N VAL A 189 -9.27 6.87 3.66
CA VAL A 189 -7.98 7.33 3.34
C VAL A 189 -7.22 6.23 2.65
N ASP A 190 -7.29 5.01 3.19
CA ASP A 190 -6.62 3.87 2.56
C ASP A 190 -7.28 3.54 1.17
N VAL A 191 -8.61 3.66 1.05
CA VAL A 191 -9.30 3.47 -0.21
C VAL A 191 -8.81 4.44 -1.31
N TRP A 192 -8.69 5.71 -0.95
CA TRP A 192 -8.22 6.75 -1.85
C TRP A 192 -6.85 6.37 -2.36
N SER A 193 -5.93 6.00 -1.47
CA SER A 193 -4.64 5.66 -1.93
C SER A 193 -4.60 4.46 -2.88
N CYS A 194 -5.51 3.50 -2.69
CA CYS A 194 -5.64 2.37 -3.63
C CYS A 194 -6.07 2.90 -5.00
N GLY A 195 -6.95 3.92 -5.04
CA GLY A 195 -7.30 4.56 -6.24
C GLY A 195 -6.16 5.23 -6.97
N ILE A 196 -5.32 5.90 -6.23
CA ILE A 196 -4.14 6.48 -6.90
C ILE A 196 -3.24 5.37 -7.41
N VAL A 197 -3.09 4.29 -6.65
CA VAL A 197 -2.26 3.17 -7.14
C VAL A 197 -2.87 2.62 -8.45
N LEU A 198 -4.19 2.49 -8.50
CA LEU A 198 -4.82 1.92 -9.70
C LEU A 198 -4.59 2.87 -10.91
N THR A 199 -4.66 4.18 -10.67
CA THR A 199 -4.32 5.14 -11.72
C THR A 199 -2.96 4.95 -12.32
N ALA A 200 -1.99 4.82 -11.42
CA ALA A 200 -0.57 4.59 -11.74
C ALA A 200 -0.40 3.31 -12.52
N MET A 201 -1.08 2.22 -12.12
CA MET A 201 -1.02 0.98 -12.87
C MET A 201 -1.55 1.13 -14.25
N LEU A 202 -2.62 1.88 -14.45
CA LEU A 202 -3.21 1.93 -15.75
C LEU A 202 -2.66 3.04 -16.67
N ALA A 203 -1.96 4.01 -16.12
CA ALA A 203 -1.51 5.15 -16.90
C ALA A 203 -0.01 5.41 -16.78
N GLY A 204 0.65 4.82 -15.82
CA GLY A 204 2.08 5.01 -15.66
C GLY A 204 2.45 6.39 -15.24
N GLU A 205 1.51 7.10 -14.59
CA GLU A 205 1.79 8.44 -14.13
C GLU A 205 0.81 8.75 -12.98
N LEU A 206 1.27 9.52 -12.03
CA LEU A 206 0.47 10.00 -10.94
C LEU A 206 -0.36 11.23 -11.36
N PRO A 207 -1.59 11.36 -10.89
CA PRO A 207 -2.39 12.46 -11.42
C PRO A 207 -2.11 13.84 -10.85
N TRP A 208 -1.55 13.96 -9.66
CA TRP A 208 -1.25 15.27 -9.11
C TRP A 208 -0.22 15.14 -8.04
N ASP A 209 0.42 16.24 -7.76
CA ASP A 209 1.42 16.28 -6.66
C ASP A 209 0.76 16.15 -5.29
N GLN A 210 -0.48 16.66 -5.20
CA GLN A 210 -1.24 16.55 -3.99
C GLN A 210 -2.63 17.02 -4.24
N PRO A 211 -3.60 16.52 -3.44
CA PRO A 211 -4.96 16.78 -3.74
C PRO A 211 -5.47 18.05 -3.06
N SER A 212 -4.89 19.20 -3.43
CA SER A 212 -5.35 20.50 -2.89
C SER A 212 -5.98 21.26 -4.03
N ASP A 213 -6.97 22.10 -3.71
CA ASP A 213 -7.55 23.06 -4.70
C ASP A 213 -6.52 24.00 -5.34
N SER A 214 -5.36 24.16 -4.72
CA SER A 214 -4.26 24.90 -5.33
C SER A 214 -3.42 24.10 -6.32
N CYS A 215 -3.79 22.88 -6.57
CA CYS A 215 -3.07 22.06 -7.50
C CYS A 215 -3.98 21.93 -8.71
N GLN A 216 -3.49 22.37 -9.88
CA GLN A 216 -4.31 22.50 -11.07
C GLN A 216 -4.85 21.17 -11.57
N GLU A 217 -4.00 20.14 -11.56
CA GLU A 217 -4.43 18.81 -12.03
C GLU A 217 -5.58 18.26 -11.18
N TYR A 218 -5.53 18.51 -9.89
CA TYR A 218 -6.59 18.10 -9.00
C TYR A 218 -7.86 18.87 -9.31
N SER A 219 -7.72 20.19 -9.55
CA SER A 219 -8.91 21.01 -9.91
C SER A 219 -9.53 20.52 -11.17
N ASP A 220 -8.69 20.22 -12.11
CA ASP A 220 -9.14 19.63 -13.37
C ASP A 220 -9.93 18.35 -13.20
N TRP A 221 -9.47 17.48 -12.29
CA TRP A 221 -10.23 16.24 -12.04
C TRP A 221 -11.59 16.53 -11.45
N LYS A 222 -11.64 17.43 -10.49
CA LYS A 222 -12.94 17.77 -9.89
C LYS A 222 -13.91 18.41 -10.89
N GLU A 223 -13.38 19.07 -11.88
CA GLU A 223 -14.19 19.61 -12.98
C GLU A 223 -14.39 18.59 -14.06
N LYS A 224 -13.95 17.34 -13.83
CA LYS A 224 -14.15 16.23 -14.77
C LYS A 224 -13.54 16.37 -16.16
N LYS A 225 -12.33 16.88 -16.19
CA LYS A 225 -11.64 17.02 -17.47
C LYS A 225 -10.88 15.77 -17.88
N THR A 226 -11.63 14.75 -18.19
CA THR A 226 -11.05 13.43 -18.47
C THR A 226 -10.56 13.25 -19.86
N TYR A 227 -10.67 14.30 -20.66
CA TYR A 227 -10.02 14.30 -21.95
C TYR A 227 -8.55 14.57 -21.76
N LEU A 228 -8.13 15.04 -20.58
CA LEU A 228 -6.70 15.16 -20.25
C LEU A 228 -6.04 13.88 -19.71
N ASN A 229 -4.71 13.84 -19.73
CA ASN A 229 -3.95 12.79 -19.12
C ASN A 229 -3.98 12.98 -17.59
N PRO A 230 -3.92 11.92 -16.78
CA PRO A 230 -3.78 10.54 -17.22
C PRO A 230 -5.05 9.87 -17.63
N TRP A 231 -6.19 10.53 -17.41
CA TRP A 231 -7.45 9.87 -17.57
C TRP A 231 -7.75 9.38 -19.00
N LYS A 232 -7.23 10.09 -20.03
CA LYS A 232 -7.49 9.76 -21.42
C LYS A 232 -6.83 8.44 -21.77
N LYS A 233 -5.84 8.01 -21.00
CA LYS A 233 -5.25 6.68 -21.23
C LYS A 233 -6.04 5.53 -20.64
N ILE A 234 -7.08 5.81 -19.88
CA ILE A 234 -7.70 4.74 -19.12
C ILE A 234 -9.00 4.38 -19.75
N ASP A 235 -9.27 3.09 -19.92
CA ASP A 235 -10.57 2.67 -20.49
C ASP A 235 -11.72 3.13 -19.62
N SER A 236 -12.91 3.30 -20.23
CA SER A 236 -14.04 3.84 -19.54
C SER A 236 -14.52 2.99 -18.35
N ALA A 237 -14.35 1.68 -18.38
CA ALA A 237 -14.77 0.85 -17.24
C ALA A 237 -13.90 1.10 -15.94
N PRO A 238 -12.59 0.94 -16.02
CA PRO A 238 -11.82 1.26 -14.84
C PRO A 238 -11.94 2.72 -14.47
N LEU A 239 -12.05 3.61 -15.47
CA LEU A 239 -12.23 5.03 -15.17
C LEU A 239 -13.50 5.34 -14.39
N ALA A 240 -14.58 4.59 -14.63
CA ALA A 240 -15.84 4.75 -13.87
C ALA A 240 -15.62 4.36 -12.39
N LEU A 241 -14.78 3.35 -12.16
CA LEU A 241 -14.42 2.99 -10.81
C LEU A 241 -13.59 4.09 -10.13
N LEU A 242 -12.63 4.60 -10.83
CA LEU A 242 -11.86 5.73 -10.34
C LEU A 242 -12.70 6.97 -10.03
N HIS A 243 -13.75 7.22 -10.81
CA HIS A 243 -14.72 8.28 -10.46
C HIS A 243 -15.36 8.00 -9.12
N LYS A 244 -15.54 6.76 -8.71
CA LYS A 244 -16.17 6.49 -7.39
C LYS A 244 -15.19 6.51 -6.24
N ILE A 245 -13.93 6.22 -6.52
CA ILE A 245 -12.89 6.21 -5.46
C ILE A 245 -12.33 7.56 -5.19
N LEU A 246 -11.97 8.28 -6.22
CA LEU A 246 -11.33 9.57 -6.02
C LEU A 246 -12.39 10.67 -5.86
N VAL A 247 -13.22 10.51 -4.85
CA VAL A 247 -14.34 11.41 -4.55
C VAL A 247 -13.85 12.26 -3.36
N GLU A 248 -13.98 13.57 -3.44
CA GLU A 248 -13.38 14.43 -2.43
C GLU A 248 -13.98 14.29 -1.02
N ASN A 249 -15.30 14.18 -0.91
CA ASN A 249 -15.95 13.98 0.35
C ASN A 249 -15.83 12.54 0.76
N PRO A 250 -15.19 12.25 1.92
CA PRO A 250 -14.90 10.87 2.34
C PRO A 250 -16.12 10.08 2.69
N SER A 251 -17.22 10.71 3.04
CA SER A 251 -18.43 9.97 3.33
C SER A 251 -19.19 9.64 2.02
N ALA A 252 -19.00 10.38 0.95
CA ALA A 252 -19.56 10.02 -0.35
C ALA A 252 -18.69 8.98 -1.09
N ARG A 253 -17.44 8.83 -0.68
CA ARG A 253 -16.52 7.95 -1.41
C ARG A 253 -16.97 6.46 -1.31
N ILE A 254 -16.71 5.70 -2.37
CA ILE A 254 -17.08 4.32 -2.34
C ILE A 254 -16.31 3.52 -1.26
N THR A 255 -16.95 2.52 -0.66
CA THR A 255 -16.34 1.68 0.34
C THR A 255 -15.92 0.42 -0.33
N ILE A 256 -15.09 -0.35 0.33
CA ILE A 256 -14.62 -1.58 -0.26
C ILE A 256 -15.70 -2.61 -0.61
N PRO A 257 -16.70 -2.81 0.26
CA PRO A 257 -17.83 -3.67 -0.15
C PRO A 257 -18.43 -3.30 -1.48
N ASP A 258 -18.57 -2.01 -1.71
CA ASP A 258 -19.13 -1.54 -2.97
C ASP A 258 -18.14 -1.61 -4.13
N ILE A 259 -16.86 -1.41 -3.84
CA ILE A 259 -15.83 -1.66 -4.92
C ILE A 259 -15.97 -3.07 -5.43
N LYS A 260 -16.22 -4.01 -4.55
CA LYS A 260 -16.33 -5.41 -5.00
C LYS A 260 -17.54 -5.69 -5.87
N LYS A 261 -18.45 -4.73 -5.98
CA LYS A 261 -19.63 -4.83 -6.85
C LYS A 261 -19.46 -4.06 -8.16
N ASP A 262 -18.36 -3.36 -8.32
CA ASP A 262 -18.13 -2.56 -9.47
C ASP A 262 -17.99 -3.42 -10.73
N ARG A 263 -18.44 -2.90 -11.84
CA ARG A 263 -18.46 -3.61 -13.08
C ARG A 263 -17.03 -3.93 -13.54
N TRP A 264 -16.10 -2.98 -13.55
CA TRP A 264 -14.72 -3.33 -14.01
C TRP A 264 -14.12 -4.30 -13.06
N TYR A 265 -14.34 -4.11 -11.75
CA TYR A 265 -13.79 -5.06 -10.76
C TYR A 265 -14.19 -6.54 -11.03
N ASN A 266 -15.41 -6.75 -11.50
CA ASN A 266 -15.91 -8.09 -11.81
C ASN A 266 -15.78 -8.50 -13.32
N LYS A 267 -15.12 -7.68 -14.14
CA LYS A 267 -15.01 -7.99 -15.56
C LYS A 267 -14.02 -9.09 -15.82
N PRO A 268 -14.38 -10.12 -16.58
CA PRO A 268 -13.37 -11.16 -16.90
C PRO A 268 -12.32 -10.60 -17.88
N LEU A 269 -11.04 -10.72 -17.54
CA LEU A 269 -9.99 -10.13 -18.38
C LEU A 269 -8.86 -11.11 -18.66
N LYS A 270 -8.29 -10.89 -19.84
CA LYS A 270 -7.06 -11.48 -20.48
C LYS A 270 -7.30 -12.56 -21.48
C1 A3Q B . 13.27 -2.45 1.07
C2 A3Q B . 13.06 -3.83 0.99
C3 A3Q B . 11.83 -4.39 1.28
C4 A3Q B . 10.75 -3.55 1.56
C5 A3Q B . 10.96 -2.18 1.62
C6 A3Q B . 12.19 -1.63 1.35
C7 A3Q B . 11.59 -5.82 1.19
C8 A3Q B . 12.08 -6.44 0.07
C9 A3Q B . 11.84 -7.79 -0.15
N10 A3Q B . 11.14 -8.48 0.73
C11 A3Q B . 10.84 -6.57 2.08
C12 A3Q B . 10.65 -7.91 1.82
N13 A3Q B . 9.92 -8.42 2.79
C14 A3Q B . 9.64 -7.47 3.66
C15 A3Q B . 10.21 -6.34 3.25
C16 A3Q B . 10.08 -5.12 3.93
N17 A3Q B . 10.03 -4.13 4.47
O18 A3Q B . 9.90 -1.40 1.91
#